data_1D7B
#
_entry.id   1D7B
#
_cell.length_a   139.200
_cell.length_b   139.200
_cell.length_c   53.960
_cell.angle_alpha   90.00
_cell.angle_beta   90.00
_cell.angle_gamma   120.00
#
_symmetry.space_group_name_H-M   'P 65'
#
loop_
_entity.id
_entity.type
_entity.pdbx_description
1 polymer 'CELLOBIOSE DEHYDROGENASE'
2 branched beta-D-mannopyranose-(1-4)-2-acetamido-2-deoxy-beta-D-glucopyranose-(1-4)-2-acetamido-2-deoxy-beta-D-glucopyranose
3 non-polymer 'CADMIUM ION'
4 non-polymer 'PROTOPORPHYRIN IX CONTAINING FE'
5 non-polymer 2-(2-{2-[2-(2-METHOXY-ETHOXY)-ETHOXY]-ETHOXY}-ETHOXY)-ETHANOL
6 water water
#
_entity_poly.entity_id   1
_entity_poly.type   'polypeptide(L)'
_entity_poly.pdbx_seq_one_letter_code
;(PCA)SASQFTDPTTGFQFTGITDPVHDVTYGFVFPPLATSGAQSTEFIGEVVAPIASKWIGIALGGAMNNDLLLVAWAN
GNQIVSSTRWATGYVQPTAYTGTATLTTLPETTINSTHWKWVFRCQGCTEWNNGGGIDVTSQGVLAWAFSNVAVDDPSDP
QSTFSEHTDFGFFGIDYSTAHSANYQNYLN
;
_entity_poly.pdbx_strand_id   A,B
#
loop_
_chem_comp.id
_chem_comp.type
_chem_comp.name
_chem_comp.formula
1PG non-polymer 2-(2-{2-[2-(2-METHOXY-ETHOXY)-ETHOXY]-ETHOXY}-ETHOXY)-ETHANOL 'C11 H24 O6'
BMA D-saccharide, beta linking beta-D-mannopyranose 'C6 H12 O6'
CD non-polymer 'CADMIUM ION' 'Cd 2'
HEM non-polymer 'PROTOPORPHYRIN IX CONTAINING FE' 'C34 H32 Fe N4 O4'
NAG D-saccharide, beta linking 2-acetamido-2-deoxy-beta-D-glucopyranose 'C8 H15 N O6'
#
# COMPACT_ATOMS: atom_id res chain seq x y z
N PCA A 1 5.63 -3.71 1.27
CA PCA A 1 6.49 -3.52 0.09
CB PCA A 1 6.14 -2.18 -0.53
CG PCA A 1 4.78 -1.88 0.01
CD PCA A 1 4.66 -2.80 1.24
OE PCA A 1 3.73 -2.71 2.12
C PCA A 1 7.97 -3.62 0.49
O PCA A 1 8.29 -3.56 1.69
N SER A 2 8.84 -3.81 -0.49
CA SER A 2 10.27 -3.97 -0.24
C SER A 2 11.08 -2.96 -1.03
N ALA A 3 12.03 -2.28 -0.42
CA ALA A 3 12.87 -1.37 -1.17
C ALA A 3 13.85 -2.12 -2.08
N SER A 4 14.33 -1.47 -3.12
CA SER A 4 15.42 -1.96 -3.95
C SER A 4 16.38 -0.82 -4.31
N GLN A 5 17.53 -1.17 -4.85
CA GLN A 5 18.55 -0.17 -5.21
C GLN A 5 18.20 0.43 -6.56
N PHE A 6 18.37 1.74 -6.74
CA PHE A 6 18.14 2.36 -8.04
C PHE A 6 19.03 3.58 -8.18
N THR A 7 19.23 4.04 -9.41
CA THR A 7 20.06 5.21 -9.67
C THR A 7 19.26 6.39 -10.19
N ASP A 8 19.47 7.59 -9.65
CA ASP A 8 18.77 8.75 -10.25
C ASP A 8 19.42 9.06 -11.60
N PRO A 9 18.63 9.03 -12.65
CA PRO A 9 19.15 9.06 -14.02
C PRO A 9 19.71 10.43 -14.44
N THR A 10 19.30 11.47 -13.73
CA THR A 10 19.83 12.80 -14.02
C THR A 10 21.07 13.08 -13.17
N THR A 11 20.98 12.75 -11.88
CA THR A 11 22.08 13.06 -10.97
C THR A 11 23.09 11.92 -10.81
N GLY A 12 22.68 10.69 -11.10
CA GLY A 12 23.57 9.57 -10.84
C GLY A 12 23.62 9.10 -9.41
N PHE A 13 22.93 9.77 -8.49
CA PHE A 13 22.86 9.27 -7.13
C PHE A 13 22.27 7.87 -7.11
N GLN A 14 22.89 7.00 -6.31
CA GLN A 14 22.40 5.64 -6.13
C GLN A 14 21.58 5.52 -4.85
N PHE A 15 20.30 5.27 -4.97
CA PHE A 15 19.44 5.22 -3.79
C PHE A 15 18.92 3.81 -3.52
N THR A 16 18.42 3.64 -2.30
CA THR A 16 17.64 2.46 -1.94
C THR A 16 16.24 2.93 -1.57
N GLY A 17 15.22 2.35 -2.22
CA GLY A 17 13.87 2.83 -1.94
C GLY A 17 12.85 2.19 -2.86
N ILE A 18 11.74 2.87 -3.05
CA ILE A 18 10.61 2.34 -3.78
C ILE A 18 9.93 3.45 -4.57
N THR A 19 9.07 3.08 -5.50
CA THR A 19 8.07 3.94 -6.09
C THR A 19 6.69 3.38 -5.73
N ASP A 20 5.87 4.18 -5.10
CA ASP A 20 4.48 3.85 -4.83
C ASP A 20 3.69 3.99 -6.13
N PRO A 21 3.08 2.92 -6.63
CA PRO A 21 2.43 2.99 -7.94
C PRO A 21 1.11 3.73 -7.91
N VAL A 22 0.54 3.95 -6.73
CA VAL A 22 -0.76 4.64 -6.69
C VAL A 22 -0.60 6.13 -6.97
N HIS A 23 0.32 6.78 -6.25
CA HIS A 23 0.53 8.21 -6.44
C HIS A 23 1.79 8.50 -7.23
N ASP A 24 2.51 7.43 -7.58
CA ASP A 24 3.70 7.46 -8.40
C ASP A 24 4.75 8.40 -7.82
N VAL A 25 4.91 8.30 -6.51
CA VAL A 25 5.97 8.96 -5.77
C VAL A 25 7.12 8.01 -5.45
N THR A 26 8.34 8.46 -5.75
CA THR A 26 9.56 7.70 -5.50
C THR A 26 10.22 8.21 -4.23
N TYR A 27 10.59 7.30 -3.36
CA TYR A 27 11.27 7.56 -2.09
C TYR A 27 12.66 6.92 -2.17
N GLY A 28 13.75 7.68 -1.99
CA GLY A 28 15.07 7.05 -2.05
C GLY A 28 15.90 7.52 -0.86
N PHE A 29 16.77 6.66 -0.35
CA PHE A 29 17.63 6.86 0.80
C PHE A 29 19.04 6.37 0.52
N VAL A 30 20.05 7.10 0.97
CA VAL A 30 21.41 6.59 0.79
C VAL A 30 22.23 7.06 1.99
N PHE A 31 23.09 6.16 2.49
CA PHE A 31 23.83 6.44 3.72
C PHE A 31 25.33 6.49 3.46
N PRO A 32 26.08 7.20 4.30
CA PRO A 32 27.54 7.22 4.19
C PRO A 32 28.10 5.82 4.50
N PRO A 33 29.31 5.53 4.08
CA PRO A 33 29.91 4.21 4.34
C PRO A 33 29.80 3.79 5.79
N LEU A 34 29.51 2.52 5.99
CA LEU A 34 29.51 1.99 7.35
C LEU A 34 30.89 2.17 7.99
N ALA A 35 30.92 2.38 9.30
CA ALA A 35 32.23 2.39 9.98
C ALA A 35 32.54 0.99 10.48
N THR A 36 33.77 0.55 10.33
CA THR A 36 34.22 -0.72 10.93
C THR A 36 34.67 -0.43 12.36
N SER A 37 35.24 0.75 12.48
CA SER A 37 35.82 1.34 13.66
C SER A 37 34.99 2.50 14.16
N GLY A 38 34.18 2.20 15.20
CA GLY A 38 33.56 3.28 15.96
C GLY A 38 32.07 3.46 15.69
N ALA A 39 31.51 4.61 16.05
CA ALA A 39 30.08 4.85 15.89
C ALA A 39 29.73 5.07 14.42
N GLN A 40 28.50 4.69 14.07
CA GLN A 40 28.08 4.97 12.71
C GLN A 40 27.80 6.46 12.51
N SER A 41 27.73 6.88 11.26
CA SER A 41 27.24 8.24 10.94
C SER A 41 25.79 8.40 11.35
N THR A 42 25.37 9.64 11.66
CA THR A 42 23.97 9.84 11.98
C THR A 42 23.25 10.59 10.88
N GLU A 43 23.89 10.76 9.71
CA GLU A 43 23.21 11.48 8.64
C GLU A 43 22.95 10.57 7.44
N PHE A 44 22.11 11.02 6.52
CA PHE A 44 21.82 10.34 5.27
C PHE A 44 21.30 11.38 4.28
N ILE A 45 21.21 10.97 3.03
CA ILE A 45 20.64 11.81 1.98
C ILE A 45 19.38 11.14 1.49
N GLY A 46 18.32 11.91 1.18
CA GLY A 46 17.18 11.21 0.62
C GLY A 46 16.61 11.97 -0.57
N GLU A 47 15.61 11.38 -1.22
CA GLU A 47 14.88 12.15 -2.22
C GLU A 47 13.41 11.73 -2.25
N VAL A 48 12.57 12.68 -2.62
CA VAL A 48 11.17 12.45 -2.92
C VAL A 48 10.95 12.99 -4.35
N VAL A 49 10.49 12.13 -5.23
CA VAL A 49 10.13 12.56 -6.58
C VAL A 49 8.62 12.39 -6.70
N ALA A 50 7.90 13.51 -6.76
CA ALA A 50 6.45 13.45 -6.72
C ALA A 50 5.80 14.21 -7.86
N PRO A 51 4.72 13.64 -8.42
CA PRO A 51 3.92 14.40 -9.39
C PRO A 51 3.36 15.64 -8.71
N ILE A 52 3.20 16.74 -9.47
CA ILE A 52 2.77 17.98 -8.82
C ILE A 52 1.40 17.87 -8.18
N ALA A 53 0.60 16.86 -8.50
CA ALA A 53 -0.67 16.76 -7.79
C ALA A 53 -0.47 16.36 -6.33
N SER A 54 0.74 15.91 -5.99
CA SER A 54 1.08 15.58 -4.60
C SER A 54 1.21 16.86 -3.79
N LYS A 55 0.26 17.10 -2.88
CA LYS A 55 0.24 18.39 -2.20
C LYS A 55 1.15 18.44 -0.98
N TRP A 56 1.23 17.34 -0.23
CA TRP A 56 2.31 17.22 0.77
C TRP A 56 2.70 15.75 0.88
N ILE A 57 3.95 15.53 1.27
CA ILE A 57 4.47 14.17 1.45
C ILE A 57 5.12 14.07 2.83
N GLY A 58 4.94 12.96 3.53
CA GLY A 58 5.67 12.81 4.79
C GLY A 58 6.47 11.52 4.79
N ILE A 59 7.58 11.45 5.51
CA ILE A 59 8.39 10.23 5.64
C ILE A 59 8.48 9.95 7.14
N ALA A 60 8.13 8.74 7.53
CA ALA A 60 8.22 8.34 8.94
C ALA A 60 9.44 7.45 9.11
N LEU A 61 10.51 7.99 9.69
CA LEU A 61 11.82 7.36 9.65
C LEU A 61 11.89 6.14 10.57
N GLY A 62 10.90 6.01 11.44
CA GLY A 62 10.78 4.80 12.25
C GLY A 62 9.69 3.89 11.71
N GLY A 63 9.04 4.23 10.61
CA GLY A 63 8.05 3.30 10.08
C GLY A 63 6.67 3.41 10.69
N ALA A 64 6.43 4.42 11.50
CA ALA A 64 5.14 4.58 12.17
C ALA A 64 4.83 6.06 12.38
N MET A 65 3.57 6.40 12.65
CA MET A 65 3.36 7.84 12.81
C MET A 65 3.97 8.39 14.08
N ASN A 66 3.87 7.62 15.17
CA ASN A 66 4.15 8.18 16.49
C ASN A 66 5.50 7.78 17.04
N ASN A 67 6.09 8.67 17.86
CA ASN A 67 7.32 8.39 18.57
C ASN A 67 8.50 8.16 17.65
N ASP A 68 8.52 8.83 16.49
CA ASP A 68 9.70 8.72 15.64
C ASP A 68 9.87 9.98 14.81
N LEU A 69 11.08 10.19 14.30
CA LEU A 69 11.30 11.41 13.53
C LEU A 69 10.53 11.38 12.22
N LEU A 70 9.77 12.44 11.96
CA LEU A 70 9.07 12.60 10.71
C LEU A 70 9.63 13.76 9.88
N LEU A 71 9.64 13.54 8.56
CA LEU A 71 10.05 14.55 7.59
C LEU A 71 8.81 14.90 6.77
N VAL A 72 8.52 16.18 6.62
CA VAL A 72 7.34 16.59 5.84
C VAL A 72 7.78 17.66 4.86
N ALA A 73 7.25 17.60 3.63
CA ALA A 73 7.67 18.54 2.60
C ALA A 73 6.56 18.76 1.59
N TRP A 74 6.63 19.90 0.92
CA TRP A 74 5.68 20.20 -0.14
C TRP A 74 6.30 21.23 -1.08
N ALA A 75 5.77 21.30 -2.30
CA ALA A 75 6.15 22.35 -3.22
C ALA A 75 5.32 23.60 -2.94
N ASN A 76 5.97 24.76 -2.93
CA ASN A 76 5.23 26.02 -2.82
C ASN A 76 5.69 26.90 -3.97
N GLY A 77 5.10 26.80 -5.15
CA GLY A 77 5.72 27.48 -6.29
C GLY A 77 6.98 26.73 -6.70
N ASN A 78 8.08 27.45 -6.86
CA ASN A 78 9.32 26.87 -7.33
C ASN A 78 10.26 26.63 -6.14
N GLN A 79 9.65 26.49 -4.96
CA GLN A 79 10.44 26.14 -3.81
C GLN A 79 9.90 24.95 -3.04
N ILE A 80 10.84 24.20 -2.45
CA ILE A 80 10.41 23.17 -1.51
C ILE A 80 10.37 23.77 -0.10
N VAL A 81 9.30 23.52 0.60
CA VAL A 81 9.11 23.87 2.01
C VAL A 81 9.19 22.59 2.82
N SER A 82 10.08 22.47 3.81
CA SER A 82 10.15 21.21 4.52
C SER A 82 10.37 21.42 6.02
N SER A 83 10.10 20.38 6.80
CA SER A 83 10.31 20.49 8.24
C SER A 83 10.48 19.10 8.86
N THR A 84 11.10 19.11 10.04
CA THR A 84 11.16 17.91 10.87
C THR A 84 10.03 17.98 11.88
N ARG A 85 9.31 16.89 12.04
CA ARG A 85 8.17 16.90 12.94
C ARG A 85 8.18 15.68 13.86
N TRP A 86 7.27 15.72 14.83
CA TRP A 86 7.09 14.64 15.79
C TRP A 86 5.62 14.52 16.13
N ALA A 87 5.14 13.29 16.28
CA ALA A 87 3.73 13.13 16.64
C ALA A 87 3.61 12.33 17.94
N THR A 88 2.84 12.89 18.83
CA THR A 88 2.28 12.52 20.08
C THR A 88 0.81 12.25 19.79
N GLY A 89 0.60 10.98 19.51
CA GLY A 89 -0.73 10.42 19.28
C GLY A 89 -1.11 10.68 17.84
N TYR A 90 -2.28 10.24 17.39
CA TYR A 90 -2.53 10.43 15.95
C TYR A 90 -3.09 11.81 15.70
N VAL A 91 -2.33 12.85 16.05
CA VAL A 91 -2.84 14.20 15.77
C VAL A 91 -1.78 14.98 14.99
N GLN A 92 -2.10 16.19 14.55
CA GLN A 92 -1.17 17.09 13.89
C GLN A 92 0.23 17.05 14.46
N PRO A 93 1.18 16.48 13.71
CA PRO A 93 2.60 16.50 14.13
C PRO A 93 3.12 17.93 14.28
N THR A 94 3.92 18.18 15.31
CA THR A 94 4.43 19.53 15.57
C THR A 94 5.94 19.58 15.36
N ALA A 95 6.54 20.75 15.49
CA ALA A 95 7.97 20.88 15.18
C ALA A 95 8.82 20.01 16.10
N TYR A 96 9.72 19.24 15.52
CA TYR A 96 10.67 18.41 16.28
C TYR A 96 11.64 19.23 17.10
N THR A 97 11.93 18.82 18.33
CA THR A 97 12.76 19.64 19.21
C THR A 97 14.16 19.08 19.36
N GLY A 98 14.39 17.92 18.74
CA GLY A 98 15.67 17.25 18.76
C GLY A 98 16.69 17.86 17.81
N THR A 99 17.78 17.11 17.71
CA THR A 99 18.95 17.48 16.93
C THR A 99 18.85 16.84 15.55
N ALA A 100 18.46 17.66 14.59
CA ALA A 100 18.32 17.16 13.21
C ALA A 100 18.35 18.36 12.27
N THR A 101 19.15 18.30 11.23
CA THR A 101 19.20 19.39 10.26
C THR A 101 18.81 18.89 8.88
N LEU A 102 17.72 19.39 8.33
CA LEU A 102 17.20 19.06 7.02
C LEU A 102 17.67 20.13 6.03
N THR A 103 18.49 19.73 5.08
CA THR A 103 19.04 20.64 4.09
C THR A 103 18.55 20.29 2.69
N THR A 104 18.01 21.25 1.96
CA THR A 104 17.64 21.00 0.56
C THR A 104 18.89 21.08 -0.31
N LEU A 105 19.25 19.99 -0.98
CA LEU A 105 20.45 19.98 -1.79
C LEU A 105 20.17 20.58 -3.17
N PRO A 106 21.23 21.11 -3.80
CA PRO A 106 21.08 21.83 -5.05
C PRO A 106 20.51 20.97 -6.18
N GLU A 107 20.56 19.65 -6.07
CA GLU A 107 19.96 18.80 -7.12
C GLU A 107 18.44 18.89 -7.17
N THR A 108 17.83 19.44 -6.12
CA THR A 108 16.38 19.60 -6.06
C THR A 108 15.88 20.40 -7.26
N THR A 109 14.88 19.87 -7.94
CA THR A 109 14.35 20.36 -9.18
C THR A 109 12.83 20.35 -9.12
N ILE A 110 12.24 21.47 -9.54
CA ILE A 110 10.79 21.52 -9.68
C ILE A 110 10.43 21.89 -11.11
N ASN A 111 9.59 21.10 -11.77
CA ASN A 111 9.26 21.47 -13.15
C ASN A 111 7.75 21.43 -13.30
N SER A 112 7.27 21.44 -14.53
CA SER A 112 5.81 21.53 -14.69
C SER A 112 5.07 20.27 -14.27
N THR A 113 5.73 19.11 -14.17
CA THR A 113 4.97 17.89 -13.88
C THR A 113 5.33 17.23 -12.55
N HIS A 114 6.48 17.54 -12.00
CA HIS A 114 6.97 16.89 -10.78
C HIS A 114 7.78 17.86 -9.92
N TRP A 115 7.78 17.57 -8.63
CA TRP A 115 8.76 18.17 -7.73
C TRP A 115 9.69 17.06 -7.22
N LYS A 116 10.98 17.33 -7.30
CA LYS A 116 11.99 16.38 -6.90
C LYS A 116 12.83 16.98 -5.77
N TRP A 117 12.53 16.52 -4.55
CA TRP A 117 13.21 17.04 -3.38
C TRP A 117 14.36 16.13 -2.99
N VAL A 118 15.57 16.68 -3.09
CA VAL A 118 16.80 15.96 -2.73
C VAL A 118 17.34 16.60 -1.45
N PHE A 119 17.50 15.81 -0.40
CA PHE A 119 17.83 16.43 0.87
C PHE A 119 18.90 15.66 1.63
N ARG A 120 19.48 16.42 2.55
CA ARG A 120 20.45 15.92 3.51
C ARG A 120 19.79 15.96 4.88
N CYS A 121 19.89 14.86 5.61
CA CYS A 121 19.27 14.87 6.95
C CYS A 121 20.34 14.57 8.00
N GLN A 122 20.88 15.59 8.63
CA GLN A 122 21.96 15.39 9.60
C GLN A 122 21.32 15.18 10.97
N GLY A 123 21.88 14.19 11.65
CA GLY A 123 21.46 13.84 13.01
C GLY A 123 20.16 13.06 12.98
N CYS A 124 19.75 12.53 11.83
CA CYS A 124 18.42 11.95 11.74
C CYS A 124 18.32 10.46 12.03
N THR A 125 19.41 9.79 12.35
CA THR A 125 19.31 8.38 12.71
C THR A 125 19.20 8.17 14.22
N GLU A 126 19.41 9.23 14.99
CA GLU A 126 19.27 9.15 16.44
C GLU A 126 18.42 10.30 16.96
N TRP A 127 17.36 9.99 17.71
CA TRP A 127 16.38 11.03 18.07
C TRP A 127 16.45 11.37 19.54
N ASN A 128 15.84 12.51 19.89
CA ASN A 128 16.10 12.96 21.28
C ASN A 128 15.19 12.23 22.24
N ASN A 129 14.43 11.24 21.77
CA ASN A 129 13.67 10.41 22.70
C ASN A 129 14.50 9.18 23.06
N GLY A 130 15.69 9.10 22.46
CA GLY A 130 16.58 7.96 22.69
C GLY A 130 16.43 6.89 21.62
N GLY A 131 15.41 7.03 20.76
CA GLY A 131 15.18 6.10 19.68
C GLY A 131 15.98 6.43 18.43
N GLY A 132 15.75 5.68 17.34
CA GLY A 132 16.50 5.96 16.12
C GLY A 132 16.47 4.76 15.17
N ILE A 133 17.36 4.81 14.20
CA ILE A 133 17.51 3.78 13.17
C ILE A 133 18.88 3.14 13.31
N ASP A 134 18.85 1.82 13.11
CA ASP A 134 20.11 1.06 13.12
C ASP A 134 20.55 0.86 11.70
N VAL A 135 21.60 1.55 11.26
CA VAL A 135 21.93 1.55 9.83
C VAL A 135 22.66 0.28 9.39
N THR A 136 22.85 -0.67 10.27
CA THR A 136 23.47 -1.95 9.95
C THR A 136 22.43 -3.05 9.81
N SER A 137 21.17 -2.71 10.05
CA SER A 137 20.13 -3.73 10.11
C SER A 137 18.99 -3.51 9.14
N GLN A 138 17.95 -4.33 9.32
CA GLN A 138 16.77 -4.26 8.48
C GLN A 138 15.69 -3.52 9.24
N GLY A 139 14.97 -2.62 8.55
CA GLY A 139 13.94 -1.92 9.32
C GLY A 139 12.75 -1.63 8.42
N VAL A 140 11.83 -0.80 8.91
CA VAL A 140 10.67 -0.43 8.10
C VAL A 140 10.58 1.09 7.97
N LEU A 141 10.33 1.59 6.76
CA LEU A 141 10.05 3.02 6.62
C LEU A 141 8.59 3.20 6.26
N ALA A 142 8.01 4.38 6.50
CA ALA A 142 6.64 4.60 6.05
C ALA A 142 6.54 5.97 5.38
N TRP A 143 5.53 6.19 4.56
CA TRP A 143 5.30 7.46 3.90
C TRP A 143 3.83 7.82 4.08
N ALA A 144 3.54 9.10 3.92
CA ALA A 144 2.20 9.64 4.03
C ALA A 144 2.00 10.61 2.86
N PHE A 145 0.78 10.60 2.35
CA PHE A 145 0.46 11.33 1.13
C PHE A 145 -0.79 12.18 1.33
N SER A 146 -0.79 13.39 0.77
CA SER A 146 -2.06 14.09 0.63
C SER A 146 -2.18 14.77 -0.74
N ASN A 147 -3.40 14.76 -1.28
CA ASN A 147 -3.63 15.56 -2.49
C ASN A 147 -4.36 16.86 -2.15
N VAL A 148 -4.40 17.22 -0.87
CA VAL A 148 -4.96 18.48 -0.42
C VAL A 148 -3.89 19.39 0.18
N ALA A 149 -3.83 20.64 -0.27
CA ALA A 149 -2.83 21.61 0.12
C ALA A 149 -2.79 21.87 1.62
N VAL A 150 -1.57 22.16 2.10
CA VAL A 150 -1.47 22.47 3.53
C VAL A 150 -2.16 23.79 3.82
N ASP A 151 -2.41 24.10 5.08
CA ASP A 151 -3.21 25.31 5.39
C ASP A 151 -2.45 26.58 5.06
N ASP A 152 -1.13 26.59 5.22
CA ASP A 152 -0.39 27.77 4.80
C ASP A 152 0.95 27.40 4.17
N PRO A 153 0.92 27.23 2.86
CA PRO A 153 2.08 26.64 2.16
C PRO A 153 3.38 27.41 2.35
N SER A 154 3.36 28.70 2.64
CA SER A 154 4.63 29.40 2.87
C SER A 154 5.20 29.14 4.25
N ASP A 155 4.47 28.52 5.18
CA ASP A 155 5.00 28.30 6.53
C ASP A 155 5.50 26.88 6.72
N PRO A 156 6.78 26.67 7.02
CA PRO A 156 7.32 25.31 7.20
C PRO A 156 6.61 24.56 8.32
N GLN A 157 6.04 25.32 9.26
CA GLN A 157 5.33 24.74 10.38
C GLN A 157 3.81 24.79 10.18
N SER A 158 3.36 24.99 8.95
CA SER A 158 1.95 24.95 8.63
C SER A 158 1.22 23.75 9.23
N THR A 159 -0.01 24.01 9.65
CA THR A 159 -0.91 22.90 9.96
C THR A 159 -1.44 22.33 8.64
N PHE A 160 -2.02 21.15 8.69
CA PHE A 160 -2.61 20.54 7.49
C PHE A 160 -3.52 19.39 7.91
N SER A 161 -4.23 18.84 6.94
CA SER A 161 -5.20 17.79 7.26
C SER A 161 -4.56 16.40 7.16
N GLU A 162 -5.19 15.43 7.79
CA GLU A 162 -4.79 14.04 7.73
C GLU A 162 -4.49 13.59 6.30
N HIS A 163 -3.43 12.78 6.16
CA HIS A 163 -3.02 12.24 4.88
C HIS A 163 -4.18 11.50 4.22
N THR A 164 -4.28 11.43 2.90
CA THR A 164 -5.33 10.63 2.27
C THR A 164 -4.87 9.20 1.99
N ASP A 165 -3.56 8.96 2.10
CA ASP A 165 -3.02 7.61 1.95
C ASP A 165 -1.72 7.52 2.73
N PHE A 166 -1.29 6.32 3.09
CA PHE A 166 -0.01 6.09 3.74
C PHE A 166 0.45 4.68 3.39
N GLY A 167 1.73 4.39 3.55
CA GLY A 167 2.22 3.06 3.18
C GLY A 167 3.57 2.79 3.81
N PHE A 168 4.02 1.55 3.67
CA PHE A 168 5.18 1.05 4.34
C PHE A 168 6.13 0.35 3.38
N PHE A 169 7.40 0.27 3.77
CA PHE A 169 8.26 -0.62 3.00
C PHE A 169 9.46 -1.06 3.85
N GLY A 170 9.87 -2.29 3.59
CA GLY A 170 11.02 -2.88 4.27
C GLY A 170 12.28 -2.35 3.60
N ILE A 171 13.31 -2.11 4.41
CA ILE A 171 14.58 -1.65 3.86
C ILE A 171 15.73 -2.30 4.63
N ASP A 172 16.67 -2.83 3.86
CA ASP A 172 17.91 -3.37 4.43
C ASP A 172 18.95 -2.29 4.47
N TYR A 173 19.03 -1.61 5.62
CA TYR A 173 19.97 -0.51 5.75
C TYR A 173 21.41 -0.95 5.51
N SER A 174 21.71 -2.23 5.77
CA SER A 174 23.10 -2.66 5.56
C SER A 174 23.52 -2.53 4.11
N THR A 175 22.59 -2.55 3.16
CA THR A 175 23.02 -2.40 1.77
C THR A 175 22.63 -1.05 1.19
N ALA A 176 22.38 -0.10 2.08
CA ALA A 176 21.95 1.23 1.62
C ALA A 176 23.02 2.30 1.78
N HIS A 177 24.28 1.90 1.97
CA HIS A 177 25.38 2.84 2.09
C HIS A 177 26.09 3.01 0.76
N SER A 178 26.78 4.15 0.56
CA SER A 178 27.47 4.33 -0.71
C SER A 178 28.86 4.90 -0.53
N ALA A 179 29.84 4.38 -1.26
CA ALA A 179 31.16 5.01 -1.18
C ALA A 179 31.15 6.39 -1.83
N ASN A 180 30.13 6.69 -2.62
CA ASN A 180 30.08 8.00 -3.26
C ASN A 180 29.33 9.05 -2.43
N TYR A 181 28.94 8.72 -1.21
CA TYR A 181 28.21 9.64 -0.36
C TYR A 181 28.87 11.01 -0.30
N GLN A 182 30.17 11.09 0.01
CA GLN A 182 30.80 12.42 0.08
C GLN A 182 30.70 13.19 -1.22
N ASN A 183 30.74 12.50 -2.36
CA ASN A 183 30.61 13.19 -3.64
C ASN A 183 29.18 13.74 -3.83
N TYR A 184 28.19 13.05 -3.27
CA TYR A 184 26.83 13.56 -3.33
C TYR A 184 26.75 14.90 -2.59
N LEU A 185 27.59 15.02 -1.57
CA LEU A 185 27.60 16.22 -0.73
C LEU A 185 28.33 17.36 -1.44
N ASN A 186 29.33 17.06 -2.25
CA ASN A 186 30.02 18.15 -2.94
C ASN A 186 29.43 18.44 -4.32
N PCA B 1 3.00 -6.05 0.33
CA PCA B 1 2.54 -6.53 1.64
CB PCA B 1 1.15 -5.91 1.86
CG PCA B 1 1.28 -4.62 1.10
CD PCA B 1 2.30 -4.97 0.00
OE PCA B 1 2.48 -4.32 -1.08
C PCA B 1 2.42 -8.05 1.59
O PCA B 1 2.64 -8.66 0.52
N SER B 2 2.23 -8.70 2.73
CA SER B 2 2.24 -10.15 2.84
C SER B 2 1.01 -10.68 3.54
N ALA B 3 0.36 -11.69 2.97
CA ALA B 3 -0.80 -12.26 3.65
C ALA B 3 -0.39 -13.08 4.87
N SER B 4 -1.33 -13.34 5.77
CA SER B 4 -1.13 -14.26 6.88
C SER B 4 -2.45 -14.96 7.20
N GLN B 5 -2.40 -16.00 8.03
CA GLN B 5 -3.62 -16.70 8.39
C GLN B 5 -4.34 -16.00 9.54
N PHE B 6 -5.65 -16.07 9.55
CA PHE B 6 -6.45 -15.38 10.56
C PHE B 6 -7.81 -16.06 10.61
N THR B 7 -8.49 -15.81 11.73
CA THR B 7 -9.79 -16.43 11.98
C THR B 7 -10.90 -15.40 12.02
N ASP B 8 -12.02 -15.67 11.36
CA ASP B 8 -13.18 -14.79 11.48
C ASP B 8 -13.76 -15.00 12.89
N PRO B 9 -13.86 -13.94 13.69
CA PRO B 9 -14.29 -14.06 15.08
C PRO B 9 -15.78 -14.36 15.25
N THR B 10 -16.56 -14.04 14.23
CA THR B 10 -18.00 -14.27 14.25
C THR B 10 -18.30 -15.71 13.79
N THR B 11 -17.65 -16.09 12.68
CA THR B 11 -17.96 -17.35 12.03
C THR B 11 -16.98 -18.44 12.41
N GLY B 12 -15.78 -18.03 12.82
CA GLY B 12 -14.72 -19.01 13.01
C GLY B 12 -14.13 -19.49 11.71
N PHE B 13 -14.52 -18.95 10.54
CA PHE B 13 -13.85 -19.46 9.34
C PHE B 13 -12.36 -19.12 9.42
N GLN B 14 -11.49 -19.95 8.87
CA GLN B 14 -10.07 -19.64 8.88
C GLN B 14 -9.61 -19.22 7.48
N PHE B 15 -9.17 -17.98 7.39
CA PHE B 15 -8.73 -17.46 6.10
C PHE B 15 -7.25 -17.14 6.07
N THR B 16 -6.80 -16.89 4.85
CA THR B 16 -5.47 -16.36 4.56
C THR B 16 -5.67 -15.02 3.86
N GLY B 17 -5.05 -13.95 4.35
CA GLY B 17 -5.26 -12.69 3.63
C GLY B 17 -4.62 -11.54 4.39
N ILE B 18 -5.22 -10.36 4.29
CA ILE B 18 -4.62 -9.18 4.88
C ILE B 18 -5.72 -8.21 5.34
N THR B 19 -5.36 -7.27 6.19
CA THR B 19 -6.18 -6.07 6.40
C THR B 19 -5.37 -4.87 5.91
N ASP B 20 -5.93 -4.15 4.95
CA ASP B 20 -5.34 -2.88 4.52
C ASP B 20 -5.55 -1.83 5.61
N PRO B 21 -4.49 -1.32 6.22
CA PRO B 21 -4.68 -0.39 7.34
C PRO B 21 -5.19 0.97 6.91
N VAL B 22 -5.09 1.32 5.62
CA VAL B 22 -5.56 2.64 5.21
C VAL B 22 -7.08 2.74 5.21
N HIS B 23 -7.71 1.73 4.59
CA HIS B 23 -9.17 1.76 4.45
C HIS B 23 -9.80 0.77 5.43
N ASP B 24 -8.93 0.05 6.10
CA ASP B 24 -9.30 -0.94 7.11
C ASP B 24 -10.26 -1.98 6.52
N VAL B 25 -9.99 -2.37 5.29
CA VAL B 25 -10.70 -3.44 4.61
C VAL B 25 -9.95 -4.76 4.77
N THR B 26 -10.66 -5.81 5.19
CA THR B 26 -10.04 -7.11 5.34
C THR B 26 -10.38 -7.98 4.13
N TYR B 27 -9.38 -8.65 3.58
CA TYR B 27 -9.56 -9.56 2.45
C TYR B 27 -9.14 -10.97 2.86
N GLY B 28 -9.99 -11.99 2.73
CA GLY B 28 -9.60 -13.32 3.21
C GLY B 28 -9.99 -14.38 2.17
N PHE B 29 -9.16 -15.41 2.03
CA PHE B 29 -9.29 -16.49 1.06
C PHE B 29 -9.05 -17.85 1.70
N VAL B 30 -9.87 -18.84 1.31
CA VAL B 30 -9.65 -20.20 1.84
C VAL B 30 -10.02 -21.16 0.72
N PHE B 31 -9.24 -22.21 0.56
CA PHE B 31 -9.40 -23.13 -0.55
C PHE B 31 -9.66 -24.56 -0.04
N PRO B 32 -10.27 -25.38 -0.90
CA PRO B 32 -10.55 -26.78 -0.61
C PRO B 32 -9.25 -27.56 -0.40
N PRO B 33 -9.31 -28.73 0.22
CA PRO B 33 -8.10 -29.53 0.42
C PRO B 33 -7.35 -29.74 -0.89
N LEU B 34 -6.02 -29.71 -0.81
CA LEU B 34 -5.19 -30.02 -1.96
C LEU B 34 -5.38 -31.48 -2.39
N ALA B 35 -5.53 -31.67 -3.70
CA ALA B 35 -5.62 -32.98 -4.30
C ALA B 35 -4.23 -33.44 -4.73
N THR B 36 -3.97 -34.74 -4.66
CA THR B 36 -2.72 -35.27 -5.20
C THR B 36 -3.04 -36.21 -6.35
N SER B 37 -4.11 -37.00 -6.22
CA SER B 37 -4.50 -37.89 -7.32
C SER B 37 -5.45 -37.28 -8.35
N GLY B 38 -5.90 -36.06 -8.21
CA GLY B 38 -6.75 -35.40 -9.18
C GLY B 38 -6.27 -33.97 -9.41
N ALA B 39 -6.76 -33.32 -10.47
CA ALA B 39 -6.52 -31.90 -10.70
C ALA B 39 -7.11 -31.06 -9.58
N GLN B 40 -6.57 -29.87 -9.36
CA GLN B 40 -7.10 -29.11 -8.21
C GLN B 40 -8.51 -28.62 -8.46
N SER B 41 -9.25 -28.33 -7.40
CA SER B 41 -10.55 -27.68 -7.51
C SER B 41 -10.43 -26.30 -8.15
N THR B 42 -11.51 -25.81 -8.78
CA THR B 42 -11.42 -24.46 -9.34
C THR B 42 -12.18 -23.44 -8.50
N GLU B 43 -12.60 -23.81 -7.29
CA GLU B 43 -13.37 -22.85 -6.49
C GLU B 43 -12.62 -22.44 -5.24
N PHE B 44 -13.09 -21.37 -4.59
CA PHE B 44 -12.56 -20.99 -3.29
C PHE B 44 -13.64 -20.18 -2.57
N ILE B 45 -13.40 -19.90 -1.30
CA ILE B 45 -14.31 -19.07 -0.52
C ILE B 45 -13.56 -17.82 -0.09
N GLY B 46 -14.24 -16.66 -0.12
CA GLY B 46 -13.47 -15.50 0.35
C GLY B 46 -14.34 -14.58 1.17
N GLU B 47 -13.71 -13.54 1.74
CA GLU B 47 -14.47 -12.52 2.40
C GLU B 47 -13.84 -11.15 2.18
N VAL B 48 -14.72 -10.17 2.16
CA VAL B 48 -14.37 -8.75 2.21
C VAL B 48 -15.07 -8.17 3.44
N VAL B 49 -14.31 -7.64 4.38
CA VAL B 49 -14.93 -6.94 5.52
C VAL B 49 -14.58 -5.46 5.39
N ALA B 50 -15.54 -4.59 5.11
CA ALA B 50 -15.27 -3.23 4.72
C ALA B 50 -16.08 -2.23 5.54
N PRO B 51 -15.47 -1.15 5.99
CA PRO B 51 -16.24 -0.07 6.63
C PRO B 51 -17.26 0.47 5.62
N ILE B 52 -18.40 0.98 6.09
CA ILE B 52 -19.42 1.44 5.15
C ILE B 52 -18.99 2.58 4.26
N ALA B 53 -17.94 3.34 4.59
CA ALA B 53 -17.53 4.38 3.64
C ALA B 53 -16.90 3.76 2.41
N SER B 54 -16.63 2.45 2.42
CA SER B 54 -16.15 1.78 1.22
C SER B 54 -17.28 1.58 0.22
N LYS B 55 -17.32 2.39 -0.84
CA LYS B 55 -18.45 2.35 -1.75
C LYS B 55 -18.35 1.26 -2.81
N TRP B 56 -17.13 0.87 -3.16
CA TRP B 56 -16.96 -0.36 -3.93
C TRP B 56 -15.53 -0.88 -3.68
N ILE B 57 -15.43 -2.20 -3.71
CA ILE B 57 -14.20 -2.93 -3.54
C ILE B 57 -14.00 -3.86 -4.73
N GLY B 58 -12.79 -3.95 -5.26
CA GLY B 58 -12.57 -4.98 -6.28
C GLY B 58 -11.41 -5.86 -5.86
N ILE B 59 -11.42 -7.12 -6.29
CA ILE B 59 -10.31 -8.04 -6.05
C ILE B 59 -9.82 -8.50 -7.42
N ALA B 60 -8.52 -8.35 -7.64
CA ALA B 60 -7.91 -8.81 -8.88
C ALA B 60 -7.21 -10.13 -8.57
N LEU B 61 -7.80 -11.23 -9.05
CA LEU B 61 -7.34 -12.56 -8.71
C LEU B 61 -5.99 -12.90 -9.31
N GLY B 62 -5.52 -12.20 -10.33
CA GLY B 62 -4.16 -12.44 -10.80
C GLY B 62 -3.21 -11.34 -10.38
N GLY B 63 -3.62 -10.41 -9.52
CA GLY B 63 -2.69 -9.43 -8.98
C GLY B 63 -2.44 -8.24 -9.87
N ALA B 64 -3.29 -8.04 -10.88
CA ALA B 64 -3.08 -6.91 -11.79
C ALA B 64 -4.43 -6.47 -12.33
N MET B 65 -4.55 -5.26 -12.86
CA MET B 65 -5.86 -4.89 -13.37
C MET B 65 -6.31 -5.66 -14.60
N ASN B 66 -5.38 -5.90 -15.53
CA ASN B 66 -5.81 -6.35 -16.86
C ASN B 66 -5.53 -7.84 -17.10
N ASN B 67 -6.42 -8.44 -17.88
CA ASN B 67 -6.34 -9.82 -18.30
C ASN B 67 -6.25 -10.80 -17.13
N ASP B 68 -7.10 -10.58 -16.15
CA ASP B 68 -7.29 -11.58 -15.10
C ASP B 68 -8.68 -11.43 -14.50
N LEU B 69 -9.20 -12.51 -13.91
CA LEU B 69 -10.55 -12.41 -13.35
C LEU B 69 -10.63 -11.43 -12.19
N LEU B 70 -11.58 -10.48 -12.26
CA LEU B 70 -11.80 -9.54 -11.17
C LEU B 70 -13.16 -9.81 -10.53
N LEU B 71 -13.20 -9.56 -9.22
CA LEU B 71 -14.42 -9.61 -8.45
C LEU B 71 -14.73 -8.19 -8.00
N VAL B 72 -15.95 -7.74 -8.18
CA VAL B 72 -16.30 -6.38 -7.78
C VAL B 72 -17.55 -6.47 -6.91
N ALA B 73 -17.58 -5.72 -5.81
CA ALA B 73 -18.78 -5.79 -4.98
C ALA B 73 -19.02 -4.48 -4.25
N TRP B 74 -20.28 -4.26 -3.89
CA TRP B 74 -20.63 -3.10 -3.09
C TRP B 74 -21.90 -3.35 -2.30
N ALA B 75 -22.04 -2.58 -1.23
CA ALA B 75 -23.31 -2.61 -0.50
C ALA B 75 -24.33 -1.73 -1.21
N ASN B 76 -25.54 -2.24 -1.36
CA ASN B 76 -26.64 -1.41 -1.82
C ASN B 76 -27.78 -1.57 -0.83
N GLY B 77 -27.81 -0.75 0.23
CA GLY B 77 -28.78 -0.99 1.28
C GLY B 77 -28.40 -2.23 2.08
N ASN B 78 -29.30 -3.19 2.18
CA ASN B 78 -29.12 -4.36 3.06
C ASN B 78 -28.66 -5.55 2.25
N GLN B 79 -28.19 -5.25 1.02
CA GLN B 79 -27.72 -6.33 0.17
C GLN B 79 -26.38 -6.00 -0.49
N ILE B 80 -25.62 -7.07 -0.69
CA ILE B 80 -24.44 -6.98 -1.53
C ILE B 80 -24.81 -7.15 -3.00
N VAL B 81 -24.25 -6.26 -3.81
CA VAL B 81 -24.30 -6.40 -5.27
C VAL B 81 -22.92 -6.82 -5.74
N SER B 82 -22.78 -7.89 -6.52
CA SER B 82 -21.43 -8.29 -6.93
C SER B 82 -21.42 -8.83 -8.36
N SER B 83 -20.24 -8.88 -8.95
CA SER B 83 -20.08 -9.33 -10.32
C SER B 83 -18.65 -9.84 -10.56
N THR B 84 -18.52 -10.72 -11.55
CA THR B 84 -17.23 -11.13 -12.09
C THR B 84 -16.97 -10.27 -13.32
N ARG B 85 -15.77 -9.70 -13.41
CA ARG B 85 -15.45 -8.76 -14.48
C ARG B 85 -14.05 -9.02 -15.03
N TRP B 86 -13.75 -8.27 -16.09
CA TRP B 86 -12.49 -8.41 -16.82
C TRP B 86 -12.16 -7.07 -17.45
N ALA B 87 -10.87 -6.75 -17.57
CA ALA B 87 -10.47 -5.54 -18.27
C ALA B 87 -9.33 -5.88 -19.22
N THR B 88 -9.34 -5.32 -20.43
CA THR B 88 -8.27 -5.66 -21.37
C THR B 88 -7.26 -4.51 -21.39
N GLY B 89 -7.69 -3.35 -20.94
CA GLY B 89 -6.80 -2.22 -20.79
C GLY B 89 -7.25 -1.52 -19.53
N TYR B 90 -6.68 -0.36 -19.27
CA TYR B 90 -7.03 0.35 -18.05
C TYR B 90 -8.31 1.14 -18.24
N VAL B 91 -9.40 0.44 -18.53
CA VAL B 91 -10.69 1.14 -18.61
C VAL B 91 -11.75 0.32 -17.89
N GLN B 92 -12.94 0.88 -17.73
CA GLN B 92 -14.08 0.21 -17.12
C GLN B 92 -14.14 -1.29 -17.37
N PRO B 93 -13.82 -2.09 -16.36
CA PRO B 93 -14.00 -3.53 -16.44
C PRO B 93 -15.47 -3.88 -16.68
N THR B 94 -15.67 -4.84 -17.56
CA THR B 94 -16.98 -5.30 -17.99
C THR B 94 -17.19 -6.76 -17.64
N ALA B 95 -18.40 -7.26 -17.84
CA ALA B 95 -18.75 -8.60 -17.37
C ALA B 95 -17.84 -9.67 -17.98
N TYR B 96 -17.39 -10.56 -17.10
CA TYR B 96 -16.55 -11.68 -17.50
C TYR B 96 -17.27 -12.63 -18.45
N THR B 97 -16.60 -13.07 -19.49
CA THR B 97 -17.21 -13.82 -20.57
C THR B 97 -17.05 -15.33 -20.42
N GLY B 98 -16.33 -15.73 -19.38
CA GLY B 98 -16.15 -17.15 -19.09
C GLY B 98 -17.22 -17.65 -18.15
N THR B 99 -17.10 -18.89 -17.70
CA THR B 99 -17.97 -19.49 -16.71
C THR B 99 -17.44 -19.32 -15.30
N ALA B 100 -18.15 -18.55 -14.49
CA ALA B 100 -17.71 -18.39 -13.10
C ALA B 100 -18.92 -18.08 -12.25
N THR B 101 -19.07 -18.74 -11.11
CA THR B 101 -20.23 -18.50 -10.28
C THR B 101 -19.84 -17.93 -8.93
N LEU B 102 -20.31 -16.72 -8.66
CA LEU B 102 -20.13 -16.02 -7.41
C LEU B 102 -21.40 -16.19 -6.58
N THR B 103 -21.29 -16.81 -5.43
CA THR B 103 -22.44 -17.00 -4.55
C THR B 103 -22.24 -16.25 -3.24
N THR B 104 -23.17 -15.36 -2.88
CA THR B 104 -23.12 -14.74 -1.54
C THR B 104 -23.51 -15.75 -0.48
N LEU B 105 -22.64 -16.03 0.49
CA LEU B 105 -22.98 -17.01 1.52
C LEU B 105 -23.75 -16.33 2.63
N PRO B 106 -24.48 -17.10 3.44
CA PRO B 106 -25.36 -16.49 4.44
C PRO B 106 -24.61 -15.80 5.56
N GLU B 107 -23.31 -16.05 5.73
CA GLU B 107 -22.51 -15.39 6.75
C GLU B 107 -22.25 -13.92 6.43
N THR B 108 -22.72 -13.51 5.26
CA THR B 108 -22.61 -12.14 4.79
C THR B 108 -23.43 -11.22 5.67
N THR B 109 -22.84 -10.17 6.22
CA THR B 109 -23.57 -9.28 7.10
C THR B 109 -23.46 -7.84 6.61
N ILE B 110 -24.52 -7.06 6.78
CA ILE B 110 -24.42 -5.62 6.57
C ILE B 110 -24.94 -4.92 7.82
N ASN B 111 -24.19 -4.00 8.42
CA ASN B 111 -24.80 -3.30 9.56
C ASN B 111 -24.49 -1.82 9.43
N SER B 112 -24.55 -1.08 10.54
CA SER B 112 -24.38 0.37 10.41
C SER B 112 -22.95 0.80 10.18
N THR B 113 -21.94 0.00 10.51
CA THR B 113 -20.58 0.48 10.33
C THR B 113 -19.78 -0.30 9.30
N HIS B 114 -20.25 -1.49 8.93
CA HIS B 114 -19.48 -2.32 8.01
C HIS B 114 -20.40 -3.17 7.15
N TRP B 115 -19.89 -3.50 5.98
CA TRP B 115 -20.50 -4.58 5.20
C TRP B 115 -19.49 -5.73 5.11
N LYS B 116 -19.98 -6.94 5.35
CA LYS B 116 -19.12 -8.12 5.30
C LYS B 116 -19.67 -9.12 4.28
N TRP B 117 -19.00 -9.15 3.14
CA TRP B 117 -19.33 -10.05 2.03
C TRP B 117 -18.53 -11.34 2.15
N VAL B 118 -19.23 -12.45 2.39
CA VAL B 118 -18.67 -13.79 2.42
C VAL B 118 -19.19 -14.50 1.16
N PHE B 119 -18.25 -15.01 0.35
CA PHE B 119 -18.70 -15.55 -0.94
C PHE B 119 -17.96 -16.85 -1.29
N ARG B 120 -18.63 -17.56 -2.18
CA ARG B 120 -18.11 -18.72 -2.85
C ARG B 120 -17.86 -18.34 -4.31
N CYS B 121 -16.70 -18.72 -4.83
CA CYS B 121 -16.32 -18.37 -6.19
C CYS B 121 -16.01 -19.67 -6.93
N GLN B 122 -16.92 -20.15 -7.77
CA GLN B 122 -16.71 -21.39 -8.50
C GLN B 122 -16.24 -21.08 -9.93
N GLY B 123 -15.23 -21.81 -10.37
CA GLY B 123 -14.64 -21.57 -11.69
C GLY B 123 -13.73 -20.35 -11.69
N CYS B 124 -13.23 -19.99 -10.51
CA CYS B 124 -12.48 -18.74 -10.39
C CYS B 124 -10.97 -18.90 -10.37
N THR B 125 -10.44 -20.11 -10.34
CA THR B 125 -8.98 -20.27 -10.40
C THR B 125 -8.45 -20.56 -11.80
N GLU B 126 -9.32 -20.88 -12.75
CA GLU B 126 -8.94 -21.10 -14.16
C GLU B 126 -9.85 -20.28 -15.08
N TRP B 127 -9.30 -19.46 -15.97
CA TRP B 127 -10.08 -18.46 -16.71
C TRP B 127 -10.15 -18.81 -18.18
N ASN B 128 -11.10 -18.19 -18.88
CA ASN B 128 -11.39 -18.64 -20.24
C ASN B 128 -10.42 -18.07 -21.26
N ASN B 129 -9.32 -17.46 -20.83
CA ASN B 129 -8.25 -17.11 -21.76
C ASN B 129 -7.12 -18.11 -21.65
N GLY B 130 -7.29 -19.07 -20.76
CA GLY B 130 -6.27 -20.06 -20.47
C GLY B 130 -5.42 -19.65 -19.29
N GLY B 131 -5.66 -18.49 -18.69
CA GLY B 131 -4.89 -18.07 -17.53
C GLY B 131 -5.52 -18.52 -16.23
N GLY B 132 -4.97 -18.08 -15.10
CA GLY B 132 -5.55 -18.50 -13.82
C GLY B 132 -4.55 -18.43 -12.69
N ILE B 133 -4.89 -18.99 -11.54
CA ILE B 133 -3.98 -18.99 -10.40
C ILE B 133 -3.47 -20.41 -10.12
N ASP B 134 -2.27 -20.56 -9.59
CA ASP B 134 -1.84 -21.91 -9.17
C ASP B 134 -2.01 -22.05 -7.67
N VAL B 135 -2.97 -22.85 -7.21
CA VAL B 135 -3.27 -22.90 -5.77
C VAL B 135 -2.27 -23.75 -4.98
N THR B 136 -1.27 -24.28 -5.67
CA THR B 136 -0.22 -25.01 -4.97
C THR B 136 1.01 -24.13 -4.84
N SER B 137 0.96 -22.91 -5.38
CA SER B 137 2.21 -22.15 -5.26
C SER B 137 2.00 -20.77 -4.67
N GLN B 138 2.96 -19.90 -4.91
CA GLN B 138 2.98 -18.56 -4.34
C GLN B 138 2.51 -17.59 -5.41
N GLY B 139 1.67 -16.62 -5.04
CA GLY B 139 1.28 -15.66 -6.06
C GLY B 139 1.04 -14.31 -5.40
N VAL B 140 0.47 -13.42 -6.19
CA VAL B 140 0.14 -12.07 -5.77
C VAL B 140 -1.33 -11.79 -6.05
N LEU B 141 -2.00 -11.22 -5.07
CA LEU B 141 -3.36 -10.73 -5.21
C LEU B 141 -3.38 -9.21 -5.19
N ALA B 142 -4.42 -8.57 -5.72
CA ALA B 142 -4.48 -7.11 -5.61
C ALA B 142 -5.91 -6.72 -5.31
N TRP B 143 -6.09 -5.52 -4.75
CA TRP B 143 -7.41 -5.02 -4.42
C TRP B 143 -7.56 -3.60 -4.96
N ALA B 144 -8.80 -3.15 -5.14
CA ALA B 144 -9.07 -1.80 -5.56
C ALA B 144 -10.14 -1.25 -4.62
N PHE B 145 -10.02 0.02 -4.27
CA PHE B 145 -10.92 0.71 -3.35
C PHE B 145 -11.46 1.99 -3.97
N SER B 146 -12.73 2.27 -3.71
CA SER B 146 -13.25 3.61 -3.94
C SER B 146 -14.17 4.06 -2.81
N ASN B 147 -14.14 5.37 -2.55
CA ASN B 147 -15.09 5.89 -1.56
C ASN B 147 -16.17 6.71 -2.27
N VAL B 148 -16.35 6.45 -3.56
CA VAL B 148 -17.39 7.08 -4.37
C VAL B 148 -18.38 6.03 -4.89
N ALA B 149 -19.67 6.20 -4.66
CA ALA B 149 -20.67 5.23 -5.08
C ALA B 149 -20.60 4.89 -6.57
N VAL B 150 -20.99 3.68 -6.92
CA VAL B 150 -21.12 3.26 -8.31
C VAL B 150 -22.25 4.03 -8.99
N ASP B 151 -22.27 4.08 -10.31
CA ASP B 151 -23.24 4.92 -11.01
C ASP B 151 -24.68 4.44 -10.81
N ASP B 152 -24.87 3.14 -10.71
CA ASP B 152 -26.24 2.61 -10.54
C ASP B 152 -26.22 1.39 -9.65
N PRO B 153 -26.28 1.62 -8.33
CA PRO B 153 -25.98 0.58 -7.36
C PRO B 153 -26.87 -0.65 -7.43
N SER B 154 -28.09 -0.57 -7.94
CA SER B 154 -28.94 -1.75 -8.03
C SER B 154 -28.57 -2.63 -9.22
N ASP B 155 -27.71 -2.18 -10.13
CA ASP B 155 -27.27 -2.98 -11.27
C ASP B 155 -25.90 -3.62 -11.05
N PRO B 156 -25.78 -4.94 -11.11
CA PRO B 156 -24.50 -5.64 -10.87
C PRO B 156 -23.45 -5.26 -11.89
N GLN B 157 -23.92 -4.89 -13.08
CA GLN B 157 -23.07 -4.46 -14.17
C GLN B 157 -22.94 -2.94 -14.23
N SER B 158 -23.28 -2.25 -13.15
CA SER B 158 -23.14 -0.80 -13.13
C SER B 158 -21.75 -0.34 -13.56
N THR B 159 -21.70 0.81 -14.23
CA THR B 159 -20.40 1.44 -14.44
C THR B 159 -19.97 2.17 -13.16
N PHE B 160 -18.71 2.60 -13.12
CA PHE B 160 -18.25 3.40 -11.98
C PHE B 160 -16.93 4.10 -12.31
N SER B 161 -16.48 4.93 -11.37
CA SER B 161 -15.26 5.69 -11.64
C SER B 161 -14.05 4.97 -11.11
N GLU B 162 -12.88 5.34 -11.60
CA GLU B 162 -11.62 4.73 -11.18
C GLU B 162 -11.46 4.70 -9.67
N HIS B 163 -10.87 3.62 -9.18
CA HIS B 163 -10.57 3.48 -7.76
C HIS B 163 -9.69 4.65 -7.28
N THR B 164 -9.84 5.02 -6.01
CA THR B 164 -9.05 6.05 -5.36
C THR B 164 -7.81 5.48 -4.71
N ASP B 165 -7.76 4.15 -4.55
CA ASP B 165 -6.53 3.51 -4.05
C ASP B 165 -6.51 2.08 -4.56
N PHE B 166 -5.35 1.44 -4.55
CA PHE B 166 -5.25 0.02 -4.89
C PHE B 166 -4.02 -0.51 -4.18
N GLY B 167 -3.89 -1.83 -4.06
CA GLY B 167 -2.69 -2.37 -3.41
C GLY B 167 -2.56 -3.84 -3.74
N PHE B 168 -1.47 -4.43 -3.29
CA PHE B 168 -1.09 -5.80 -3.56
C PHE B 168 -0.73 -6.55 -2.28
N PHE B 169 -0.78 -7.88 -2.36
CA PHE B 169 -0.17 -8.65 -1.27
C PHE B 169 0.20 -10.03 -1.79
N GLY B 170 1.32 -10.53 -1.28
CA GLY B 170 1.81 -11.84 -1.69
C GLY B 170 1.01 -12.87 -0.91
N ILE B 171 0.71 -14.01 -1.51
CA ILE B 171 0.01 -15.06 -0.78
C ILE B 171 0.63 -16.40 -1.20
N ASP B 172 0.93 -17.22 -0.19
CA ASP B 172 1.35 -18.60 -0.40
C ASP B 172 0.10 -19.48 -0.43
N TYR B 173 -0.42 -19.70 -1.64
CA TYR B 173 -1.65 -20.46 -1.79
C TYR B 173 -1.51 -21.88 -1.23
N SER B 174 -0.27 -22.37 -1.19
CA SER B 174 -0.09 -23.75 -0.70
C SER B 174 -0.47 -23.83 0.76
N THR B 175 -0.51 -22.71 1.46
CA THR B 175 -0.88 -22.77 2.88
C THR B 175 -2.33 -22.39 3.13
N ALA B 176 -3.10 -22.06 2.10
CA ALA B 176 -4.43 -21.50 2.27
C ALA B 176 -5.54 -22.54 2.10
N HIS B 177 -5.19 -23.83 2.15
CA HIS B 177 -6.22 -24.85 2.00
C HIS B 177 -6.76 -25.31 3.34
N SER B 178 -8.05 -25.68 3.36
CA SER B 178 -8.63 -26.09 4.64
C SER B 178 -9.37 -27.40 4.56
N ALA B 179 -9.15 -28.26 5.55
CA ALA B 179 -10.01 -29.46 5.63
C ALA B 179 -11.41 -29.08 5.99
N ASN B 180 -11.61 -27.87 6.56
CA ASN B 180 -12.99 -27.55 6.94
C ASN B 180 -13.75 -26.89 5.81
N TYR B 181 -13.18 -26.90 4.60
CA TYR B 181 -13.82 -26.14 3.51
C TYR B 181 -15.26 -26.55 3.28
N GLN B 182 -15.54 -27.86 3.22
CA GLN B 182 -16.91 -28.35 3.04
C GLN B 182 -17.87 -27.84 4.09
N ASN B 183 -17.38 -27.84 5.34
CA ASN B 183 -18.26 -27.34 6.40
C ASN B 183 -18.60 -25.88 6.18
N TYR B 184 -17.65 -25.08 5.72
CA TYR B 184 -17.95 -23.66 5.51
C TYR B 184 -19.11 -23.48 4.56
N LEU B 185 -19.17 -24.38 3.57
CA LEU B 185 -20.23 -24.31 2.57
C LEU B 185 -21.59 -24.63 3.21
N ASN B 186 -21.54 -25.47 4.23
CA ASN B 186 -22.72 -25.92 4.94
C ASN B 186 -23.14 -24.97 6.06
C1 NAG C . 10.19 16.79 -14.41
C2 NAG C . 10.26 16.39 -15.90
C3 NAG C . 10.01 14.88 -16.04
C4 NAG C . 10.96 14.11 -15.13
C5 NAG C . 10.77 14.60 -13.69
C6 NAG C . 11.65 13.88 -12.67
C7 NAG C . 9.58 18.07 -17.53
C8 NAG C . 8.44 18.74 -18.27
N2 NAG C . 9.25 17.11 -16.66
O3 NAG C . 10.21 14.48 -17.39
O4 NAG C . 10.66 12.70 -15.21
O5 NAG C . 11.09 16.00 -13.62
O6 NAG C . 13.03 14.08 -12.93
O7 NAG C . 10.74 18.41 -17.76
C1 NAG C . 11.81 11.96 -15.35
C2 NAG C . 11.33 10.50 -15.29
C3 NAG C . 12.49 9.55 -15.60
C4 NAG C . 13.23 9.95 -16.88
C5 NAG C . 13.61 11.44 -16.83
C6 NAG C . 14.23 11.93 -18.12
C7 NAG C . 9.51 10.29 -13.71
C8 NAG C . 9.08 9.99 -12.28
N2 NAG C . 10.81 10.23 -13.96
O3 NAG C . 11.98 8.23 -15.75
O4 NAG C . 14.43 9.17 -17.02
O5 NAG C . 12.42 12.23 -16.62
O6 NAG C . 15.16 12.98 -17.87
O7 NAG C . 8.66 10.57 -14.56
C1 BMA C . 14.45 8.58 -18.28
C2 BMA C . 15.86 8.14 -18.65
C3 BMA C . 15.83 7.46 -20.03
C4 BMA C . 14.82 6.30 -20.01
C5 BMA C . 13.46 6.80 -19.52
C6 BMA C . 12.46 5.66 -19.35
O2 BMA C . 16.35 7.23 -17.68
O3 BMA C . 17.13 6.97 -20.35
O4 BMA C . 14.71 5.76 -21.31
O5 BMA C . 13.58 7.45 -18.24
O6 BMA C . 12.72 4.92 -18.16
C1 NAG D . -20.84 -4.91 12.03
C2 NAG D . -20.96 -5.22 13.52
C3 NAG D . -19.58 -5.20 14.18
C4 NAG D . -18.58 -6.07 13.41
C5 NAG D . -18.60 -5.72 11.92
C6 NAG D . -17.72 -6.62 11.09
C7 NAG D . -22.83 -4.64 14.96
C8 NAG D . -23.67 -3.54 15.59
N2 NAG D . -21.83 -4.25 14.17
O3 NAG D . -19.68 -5.68 15.52
O4 NAG D . -17.25 -5.86 13.94
O5 NAG D . -19.94 -5.82 11.41
O6 NAG D . -18.05 -7.99 11.28
O7 NAG D . -23.09 -5.82 15.19
C1 NAG D . -16.57 -6.99 14.36
C2 NAG D . -15.10 -6.56 14.56
C3 NAG D . -14.28 -7.67 15.24
C4 NAG D . -14.99 -8.17 16.50
C5 NAG D . -16.40 -8.61 16.13
C6 NAG D . -17.20 -9.14 17.31
C7 NAG D . -14.49 -5.00 12.81
C8 NAG D . -13.83 -4.78 11.46
N2 NAG D . -14.50 -6.25 13.28
O3 NAG D . -13.00 -7.16 15.59
O4 NAG D . -14.26 -9.27 17.08
O5 NAG D . -17.14 -7.49 15.58
O6 NAG D . -17.03 -8.32 18.45
O7 NAG D . -14.99 -4.04 13.41
C1 BMA D . -13.88 -9.09 18.41
C2 BMA D . -13.88 -10.34 19.30
C3 BMA D . -13.47 -9.95 20.72
C4 BMA D . -12.13 -9.21 20.70
C5 BMA D . -12.20 -8.02 19.72
C6 BMA D . -10.87 -7.31 19.58
O2 BMA D . -12.98 -11.30 18.77
O3 BMA D . -13.35 -11.12 21.53
O4 BMA D . -11.82 -8.74 22.01
O5 BMA D . -12.59 -8.48 18.41
O6 BMA D . -9.79 -8.23 19.47
CD CD E . 1.25 4.44 -11.19
CD CD F . 26.00 18.16 -5.76
CD CD G . 20.94 4.11 18.55
CHA HEM H . -1.61 6.75 10.58
CHB HEM H . -3.80 10.90 11.57
CHC HEM H . -0.01 13.32 9.85
CHD HEM H . 2.30 9.12 9.14
C1A HEM H . -2.50 7.68 11.09
C2A HEM H . -3.81 7.34 11.60
C3A HEM H . -4.46 8.48 11.82
C4A HEM H . -3.56 9.57 11.46
CMA HEM H . -5.87 8.64 12.44
CAA HEM H . -4.31 5.88 11.77
CBA HEM H . -4.91 5.36 10.44
CGA HEM H . -5.37 3.89 10.46
O1A HEM H . -6.52 3.72 9.97
O2A HEM H . -4.55 3.03 10.76
C1B HEM H . -2.95 11.93 11.22
C2B HEM H . -3.33 13.34 11.25
C3B HEM H . -2.31 14.04 10.67
C4B HEM H . -1.31 13.04 10.29
CMB HEM H . -4.69 13.83 11.82
CAB HEM H . -2.09 15.51 10.27
CBB HEM H . -2.86 16.63 10.94
C1C HEM H . 0.95 12.35 9.57
C2C HEM H . 2.29 12.68 9.01
C3C HEM H . 2.92 11.51 8.81
C4C HEM H . 2.01 10.47 9.24
CMC HEM H . 2.71 14.14 8.68
CAC HEM H . 4.37 11.13 8.32
CBC HEM H . 5.38 12.27 8.26
C1D HEM H . 1.42 8.09 9.41
C2D HEM H . 1.70 6.67 9.26
C3D HEM H . 0.62 5.99 9.74
C4D HEM H . -0.33 6.99 10.16
CMD HEM H . 3.04 6.08 8.79
CAD HEM H . 0.44 4.44 9.74
CBD HEM H . 1.29 3.73 10.85
CGD HEM H . 0.82 4.05 12.26
O1D HEM H . 1.47 4.80 12.99
O2D HEM H . -0.38 3.75 12.52
NA HEM H . -2.37 9.05 10.99
NB HEM H . -1.71 11.76 10.62
NC HEM H . 0.80 10.99 9.69
ND HEM H . 0.15 8.28 9.97
FE HEM H . -0.80 10.05 10.32
CD CD I . -6.47 1.55 9.98
CD CD J . -30.88 0.61 -13.74
CD CD K . -2.73 3.13 -0.62
CHA HEM L . -4.40 0.17 -11.96
CHB HEM L . -7.97 2.58 -14.06
CHC HEM L . -11.33 -0.40 -12.28
CHD HEM L . -7.73 -2.90 -10.33
C1A HEM L . -5.08 1.10 -12.70
C2A HEM L . -4.46 2.18 -13.46
C3A HEM L . -5.45 2.82 -14.10
C4A HEM L . -6.71 2.17 -13.74
CMA HEM L . -5.30 4.11 -14.91
CAA HEM L . -2.97 2.59 -13.37
CBA HEM L . -2.65 3.40 -12.08
CGA HEM L . -1.16 3.62 -11.80
O1A HEM L . -0.82 4.82 -11.63
O2A HEM L . -0.35 2.69 -11.93
C1B HEM L . -9.17 1.96 -13.81
C2B HEM L . -10.47 2.49 -14.20
C3B HEM L . -11.42 1.69 -13.62
C4B HEM L . -10.69 0.70 -12.85
CMB HEM L . -10.65 3.69 -15.17
CAB HEM L . -12.95 1.79 -13.38
CBB HEM L . -13.77 2.60 -14.39
C1C HEM L . -10.66 -1.41 -11.60
C2C HEM L . -11.28 -2.49 -10.86
C3C HEM L . -10.24 -3.16 -10.28
C4C HEM L . -9.01 -2.49 -10.67
CMC HEM L . -12.82 -2.76 -10.78
CAC HEM L . -10.16 -4.52 -9.52
CBC HEM L . -11.37 -5.43 -9.47
C1D HEM L . -6.52 -2.36 -10.66
C2D HEM L . -5.23 -2.81 -10.16
C3D HEM L . -4.31 -1.91 -10.55
C4D HEM L . -5.01 -0.88 -11.28
CMD HEM L . -5.13 -3.90 -9.06
CAD HEM L . -2.79 -1.90 -10.27
CBD HEM L . -2.02 -2.99 -11.09
CGD HEM L . -2.07 -2.73 -12.59
O1D HEM L . -1.40 -1.78 -13.03
O2D HEM L . -2.52 -3.63 -13.32
NA HEM L . -6.44 1.10 -12.91
NB HEM L . -9.34 0.86 -12.99
NC HEM L . -9.27 -1.41 -11.48
ND HEM L . -6.35 -1.18 -11.38
FE HEM L . -7.85 -0.14 -12.18
C2 1PG M . 3.59 -5.53 -6.65
C1 1PG M . 4.37 -3.26 -7.02
O1 1PG M . 4.52 -4.61 -6.30
O2 1PG M . 3.60 -6.88 -4.68
C3 1PG M . 3.92 -6.89 -5.99
C4 1PG M . 4.27 -7.81 -3.96
C5 1PG M . 3.90 -7.72 -2.46
O3 1PG M . 4.93 -7.26 -1.73
C6 1PG M . 5.63 -8.23 -1.11
C7 1PG M . 6.55 -7.66 0.00
O4 1PG M . 5.80 -7.10 0.97
C8 1PG M . 5.99 -7.63 2.21
C9 1PG M . 6.80 -6.65 3.09
O5 1PG M . 5.99 -5.84 3.81
C10 1PG M . 6.72 -5.02 4.60
C11 1PG M . 5.74 -4.15 5.49
O6 1PG M . 6.46 -3.99 6.72
#